data_5AKI
#
_entry.id   5AKI
#
_cell.length_a   92.876
_cell.length_b   92.876
_cell.length_c   243.506
_cell.angle_alpha   90.00
_cell.angle_beta   90.00
_cell.angle_gamma   120.00
#
_symmetry.space_group_name_H-M   'P 65 2 2'
#
loop_
_entity.id
_entity.type
_entity.pdbx_description
1 polymer 'BIFUNCTIONAL EPOXIDE HYDROLASE 2'
2 non-polymer 'SULFATE ION'
3 non-polymer GLYCEROL
4 non-polymer DI(HYDROXYETHYL)ETHER
5 non-polymer 'DIMETHYL SULFOXIDE'
6 non-polymer N-(CYCLOHEXYLMETHYL)-3-(4-PYRIDYL)-1H-PYRAZOL-5-AMINE
7 water water
#
_entity_poly.entity_id   1
_entity_poly.type   'polypeptide(L)'
_entity_poly.pdbx_seq_one_letter_code
;GMTLRAAVFDLDGVLALPAVFGVLGRTEEALALPRGLLNDAFQKGGPEGATTRLMKGEITLSQWIPLMEENCRKCSETAK
VCLPKNFSIKEIFDKAISARKINRPMLQAALMLRKKGFTTAILTNTWLDDRAERDGLAQLMCELKMHFDFLIESCQVGMV
KPEPQIYKFLLDTLKASPSEVVFLDDIGANLKPARDLGMVTILVQDTDTALKELEKVTGIQLLNTPAPLPTSCNPSDMSH
GYVTVKPRVRLHFVELGSGPAVCLCHGFPESWYSWRYQIPALAQAGYRVLAMDMKGYGESSAPPEIEEYCMEVLCKEMVT
FLDKLGLSQAVFIGHDWGGMLVWYMALFYPERVRAVASLNTPFIPANPNMSPLESIKANPVFDYQLYFQEPGVAEAELEQ
NLSRTFKSLFRASDESVLSMHKVCEAGGLFVNSPEEPSLSRMVTEEEIQFYVQQFKKSGFRGPLNWYRNMERNWKWACKS
LGRKILIPALMVTAEKDFVLVPQMSQHMEDWIPHLKRGHIEDCGHWTQMDKPTEVNQILIKWLDSDARN
;
_entity_poly.pdbx_strand_id   A
#
loop_
_chem_comp.id
_chem_comp.type
_chem_comp.name
_chem_comp.formula
6NF non-polymer N-(CYCLOHEXYLMETHYL)-3-(4-PYRIDYL)-1H-PYRAZOL-5-AMINE 'C15 H20 N4'
DMS non-polymer 'DIMETHYL SULFOXIDE' 'C2 H6 O S'
GOL non-polymer GLYCEROL 'C3 H8 O3'
PEG non-polymer DI(HYDROXYETHYL)ETHER 'C4 H10 O3'
SO4 non-polymer 'SULFATE ION' 'O4 S -2'
#
# COMPACT_ATOMS: atom_id res chain seq x y z
N THR A 3 22.91 -25.80 1.66
CA THR A 3 22.16 -24.74 2.35
C THR A 3 21.30 -23.90 1.38
N LEU A 4 20.00 -23.79 1.68
CA LEU A 4 19.04 -23.08 0.83
C LEU A 4 19.18 -21.57 0.90
N ARG A 5 19.03 -20.92 -0.26
CA ARG A 5 19.03 -19.46 -0.36
C ARG A 5 18.07 -18.95 -1.44
N ALA A 6 17.33 -19.86 -2.09
CA ALA A 6 16.37 -19.53 -3.14
C ALA A 6 15.10 -20.36 -3.07
N ALA A 7 13.94 -19.71 -3.28
CA ALA A 7 12.66 -20.40 -3.26
C ALA A 7 11.87 -20.06 -4.52
N VAL A 8 11.35 -21.09 -5.17
CA VAL A 8 10.63 -20.97 -6.45
C VAL A 8 9.23 -21.51 -6.29
N PHE A 9 8.24 -20.72 -6.68
CA PHE A 9 6.85 -21.06 -6.57
C PHE A 9 6.16 -21.11 -7.92
N ASP A 10 5.27 -22.07 -8.11
CA ASP A 10 4.43 -22.12 -9.29
C ASP A 10 3.28 -21.15 -9.00
N LEU A 11 2.55 -20.73 -10.04
CA LEU A 11 1.39 -19.84 -9.89
C LEU A 11 0.12 -20.66 -9.64
N ASP A 12 -0.40 -21.35 -10.67
CA ASP A 12 -1.64 -22.14 -10.59
C ASP A 12 -1.55 -23.26 -9.57
N GLY A 13 -2.49 -23.26 -8.62
CA GLY A 13 -2.52 -24.26 -7.55
C GLY A 13 -1.47 -24.11 -6.47
N VAL A 14 -0.69 -23.03 -6.48
CA VAL A 14 0.34 -22.83 -5.44
C VAL A 14 0.17 -21.40 -4.87
N LEU A 15 0.53 -20.37 -5.66
CA LEU A 15 0.37 -18.97 -5.20
C LEU A 15 -1.03 -18.43 -5.46
N ALA A 16 -1.80 -19.12 -6.32
CA ALA A 16 -3.16 -18.74 -6.70
C ALA A 16 -4.07 -19.97 -6.68
N LEU A 17 -5.27 -19.83 -6.08
CA LEU A 17 -6.25 -20.91 -5.91
C LEU A 17 -7.70 -20.46 -6.14
N PRO A 18 -8.62 -21.36 -6.58
CA PRO A 18 -8.38 -22.76 -7.00
C PRO A 18 -7.68 -22.81 -8.35
N ALA A 19 -6.91 -23.88 -8.59
CA ALA A 19 -6.19 -24.09 -9.84
C ALA A 19 -7.15 -24.04 -11.04
N VAL A 20 -6.82 -23.22 -12.06
CA VAL A 20 -7.62 -23.06 -13.30
C VAL A 20 -7.72 -24.43 -14.00
N PHE A 21 -6.70 -25.29 -13.77
CA PHE A 21 -6.63 -26.68 -14.21
C PHE A 21 -7.86 -27.43 -13.67
N GLY A 22 -8.16 -27.23 -12.37
CA GLY A 22 -9.27 -27.84 -11.66
C GLY A 22 -10.63 -27.21 -11.90
N VAL A 23 -10.97 -26.98 -13.18
CA VAL A 23 -12.24 -26.45 -13.64
C VAL A 23 -12.78 -27.38 -14.71
N LEU A 24 -11.86 -28.07 -15.42
CA LEU A 24 -12.22 -29.03 -16.46
C LEU A 24 -12.85 -30.24 -15.79
N GLY A 25 -12.33 -30.61 -14.61
CA GLY A 25 -12.84 -31.68 -13.77
C GLY A 25 -14.21 -31.35 -13.21
N ARG A 26 -14.37 -30.12 -12.68
CA ARG A 26 -15.64 -29.63 -12.12
C ARG A 26 -16.70 -29.42 -13.19
N THR A 27 -16.29 -28.95 -14.40
CA THR A 27 -17.19 -28.74 -15.53
C THR A 27 -17.72 -30.09 -16.04
N GLU A 28 -16.84 -31.11 -16.13
CA GLU A 28 -17.20 -32.47 -16.52
C GLU A 28 -18.31 -32.97 -15.58
N GLU A 29 -18.08 -32.82 -14.25
CA GLU A 29 -19.01 -33.22 -13.18
C GLU A 29 -20.35 -32.49 -13.26
N ALA A 30 -20.30 -31.15 -13.44
CA ALA A 30 -21.50 -30.31 -13.55
C ALA A 30 -22.31 -30.55 -14.82
N LEU A 31 -21.64 -30.92 -15.93
CA LEU A 31 -22.30 -31.15 -17.21
C LEU A 31 -22.54 -32.64 -17.55
N ALA A 32 -22.30 -33.55 -16.56
CA ALA A 32 -22.45 -35.01 -16.69
C ALA A 32 -21.70 -35.60 -17.91
N LEU A 33 -20.53 -35.03 -18.22
CA LEU A 33 -19.68 -35.48 -19.34
C LEU A 33 -18.77 -36.61 -18.86
N PRO A 34 -18.21 -37.49 -19.75
CA PRO A 34 -17.30 -38.54 -19.28
C PRO A 34 -16.08 -37.96 -18.57
N ARG A 35 -15.65 -38.62 -17.48
CA ARG A 35 -14.53 -38.17 -16.65
C ARG A 35 -13.24 -38.07 -17.46
N GLY A 36 -12.50 -36.98 -17.25
CA GLY A 36 -11.25 -36.71 -17.96
C GLY A 36 -11.34 -36.28 -19.43
N LEU A 37 -12.58 -36.16 -19.97
CA LEU A 37 -12.84 -35.75 -21.36
C LEU A 37 -12.25 -34.36 -21.70
N LEU A 38 -12.50 -33.37 -20.84
CA LEU A 38 -12.01 -32.02 -21.05
C LEU A 38 -10.51 -31.94 -20.82
N ASN A 39 -10.00 -32.64 -19.77
CA ASN A 39 -8.57 -32.62 -19.49
C ASN A 39 -7.74 -33.31 -20.56
N ASP A 40 -8.31 -34.31 -21.27
CA ASP A 40 -7.59 -34.99 -22.35
C ASP A 40 -7.57 -34.11 -23.62
N ALA A 41 -8.63 -33.32 -23.84
CA ALA A 41 -8.76 -32.39 -24.97
C ALA A 41 -7.77 -31.22 -24.79
N PHE A 42 -7.56 -30.79 -23.53
CA PHE A 42 -6.63 -29.74 -23.13
C PHE A 42 -5.18 -30.17 -23.42
N GLN A 43 -4.82 -31.43 -23.15
CA GLN A 43 -3.45 -31.90 -23.39
C GLN A 43 -3.23 -32.64 -24.72
N LYS A 44 -4.27 -32.73 -25.57
CA LYS A 44 -4.21 -33.40 -26.87
C LYS A 44 -3.03 -32.91 -27.74
N GLY A 45 -2.24 -33.85 -28.25
CA GLY A 45 -1.09 -33.54 -29.08
C GLY A 45 0.21 -33.45 -28.31
N GLY A 46 0.10 -33.38 -26.98
CA GLY A 46 1.22 -33.27 -26.04
C GLY A 46 2.21 -32.18 -26.41
N PRO A 47 3.51 -32.54 -26.59
CA PRO A 47 4.54 -31.55 -26.94
C PRO A 47 4.30 -30.70 -28.20
N GLU A 48 3.55 -31.20 -29.18
CA GLU A 48 3.26 -30.42 -30.38
C GLU A 48 1.78 -29.99 -30.49
N GLY A 49 1.00 -30.22 -29.44
CA GLY A 49 -0.42 -29.86 -29.42
C GLY A 49 -0.63 -28.36 -29.25
N ALA A 50 -1.89 -27.91 -29.45
CA ALA A 50 -2.29 -26.51 -29.33
C ALA A 50 -1.95 -25.88 -27.97
N THR A 51 -2.12 -26.63 -26.86
CA THR A 51 -1.83 -26.14 -25.52
C THR A 51 -0.35 -25.83 -25.31
N THR A 52 0.56 -26.67 -25.85
CA THR A 52 2.00 -26.39 -25.72
C THR A 52 2.36 -25.13 -26.53
N ARG A 53 1.75 -24.98 -27.71
CA ARG A 53 1.97 -23.79 -28.54
C ARG A 53 1.55 -22.52 -27.77
N LEU A 54 0.39 -22.59 -27.10
CA LEU A 54 -0.11 -21.53 -26.24
C LEU A 54 0.89 -21.23 -25.11
N MET A 55 1.28 -22.25 -24.35
CA MET A 55 2.18 -22.08 -23.22
C MET A 55 3.58 -21.58 -23.61
N LYS A 56 4.03 -21.85 -24.86
CA LYS A 56 5.34 -21.37 -25.32
C LYS A 56 5.29 -19.96 -25.91
N GLY A 57 4.09 -19.40 -26.03
CA GLY A 57 3.86 -18.07 -26.59
C GLY A 57 3.73 -18.04 -28.11
N GLU A 58 3.57 -19.21 -28.76
CA GLU A 58 3.43 -19.26 -30.24
C GLU A 58 2.14 -18.63 -30.71
N ILE A 59 1.07 -18.83 -29.92
CA ILE A 59 -0.26 -18.28 -30.17
C ILE A 59 -0.79 -17.67 -28.89
N THR A 60 -1.82 -16.82 -29.01
CA THR A 60 -2.48 -16.17 -27.88
C THR A 60 -3.68 -17.00 -27.42
N LEU A 61 -4.21 -16.68 -26.22
CA LEU A 61 -5.38 -17.36 -25.66
C LEU A 61 -6.61 -17.32 -26.57
N SER A 62 -6.91 -16.16 -27.18
CA SER A 62 -8.06 -16.06 -28.09
C SER A 62 -7.89 -16.89 -29.37
N GLN A 63 -6.66 -17.13 -29.81
CA GLN A 63 -6.40 -18.03 -30.95
C GLN A 63 -6.55 -19.50 -30.49
N TRP A 64 -6.17 -19.81 -29.24
CA TRP A 64 -6.21 -21.18 -28.69
C TRP A 64 -7.64 -21.67 -28.45
N ILE A 65 -8.56 -20.78 -28.01
CA ILE A 65 -9.99 -21.11 -27.75
C ILE A 65 -10.63 -22.01 -28.86
N PRO A 66 -10.64 -21.61 -30.17
CA PRO A 66 -11.22 -22.51 -31.20
C PRO A 66 -10.49 -23.84 -31.37
N LEU A 67 -9.17 -23.90 -31.08
CA LEU A 67 -8.39 -25.13 -31.22
C LEU A 67 -8.77 -26.11 -30.10
N MET A 68 -8.94 -25.61 -28.85
CA MET A 68 -9.39 -26.40 -27.71
C MET A 68 -10.81 -26.92 -28.02
N GLU A 69 -11.63 -26.09 -28.71
CA GLU A 69 -12.99 -26.42 -29.14
C GLU A 69 -13.04 -27.64 -30.08
N GLU A 70 -12.14 -27.71 -31.11
CA GLU A 70 -12.05 -28.84 -32.05
C GLU A 70 -11.59 -30.09 -31.29
N ASN A 71 -10.60 -29.93 -30.39
CA ASN A 71 -10.06 -31.02 -29.57
C ASN A 71 -11.16 -31.65 -28.71
N CYS A 72 -12.08 -30.82 -28.16
CA CYS A 72 -13.22 -31.28 -27.35
C CYS A 72 -14.21 -32.10 -28.17
N ARG A 73 -14.46 -31.69 -29.44
CA ARG A 73 -15.33 -32.39 -30.40
C ARG A 73 -14.72 -33.77 -30.74
N LYS A 74 -13.41 -33.79 -31.08
CA LYS A 74 -12.64 -35.00 -31.42
C LYS A 74 -12.69 -36.05 -30.31
N CYS A 75 -12.60 -35.58 -29.04
CA CYS A 75 -12.63 -36.41 -27.85
C CYS A 75 -14.01 -36.95 -27.54
N SER A 76 -15.06 -36.12 -27.73
CA SER A 76 -16.46 -36.51 -27.52
C SER A 76 -16.88 -37.56 -28.56
N GLU A 77 -16.35 -37.44 -29.80
CA GLU A 77 -16.60 -38.40 -30.90
C GLU A 77 -16.04 -39.78 -30.53
N THR A 78 -14.77 -39.83 -30.06
CA THR A 78 -14.08 -41.07 -29.69
C THR A 78 -14.75 -41.79 -28.51
N ALA A 79 -15.13 -41.04 -27.47
CA ALA A 79 -15.82 -41.56 -26.28
C ALA A 79 -17.31 -41.84 -26.57
N LYS A 80 -17.74 -41.62 -27.84
CA LYS A 80 -19.10 -41.81 -28.37
C LYS A 80 -20.18 -41.07 -27.54
N VAL A 81 -19.88 -39.80 -27.22
CA VAL A 81 -20.74 -38.91 -26.43
C VAL A 81 -21.05 -37.61 -27.16
N CYS A 82 -22.14 -36.95 -26.77
CA CYS A 82 -22.58 -35.69 -27.36
C CYS A 82 -22.24 -34.51 -26.46
N LEU A 83 -21.62 -33.46 -27.02
CA LEU A 83 -21.32 -32.24 -26.28
C LEU A 83 -22.63 -31.45 -26.16
N PRO A 84 -22.95 -30.84 -25.00
CA PRO A 84 -24.24 -30.13 -24.85
C PRO A 84 -24.55 -29.07 -25.90
N SER A 88 -19.38 -23.92 -24.41
CA SER A 88 -18.52 -22.76 -24.65
C SER A 88 -17.27 -22.78 -23.77
N ILE A 89 -16.10 -23.00 -24.40
CA ILE A 89 -14.79 -23.04 -23.75
C ILE A 89 -14.42 -21.68 -23.15
N LYS A 90 -14.77 -20.59 -23.85
CA LYS A 90 -14.53 -19.20 -23.44
C LYS A 90 -15.17 -18.92 -22.08
N GLU A 91 -16.48 -19.24 -21.94
CA GLU A 91 -17.24 -19.04 -20.69
C GLU A 91 -16.62 -19.82 -19.53
N ILE A 92 -16.27 -21.10 -19.77
CA ILE A 92 -15.60 -21.98 -18.80
C ILE A 92 -14.29 -21.33 -18.30
N PHE A 93 -13.45 -20.88 -19.24
CA PHE A 93 -12.17 -20.28 -18.89
C PHE A 93 -12.27 -18.90 -18.27
N ASP A 94 -13.21 -18.04 -18.76
CA ASP A 94 -13.45 -16.71 -18.22
C ASP A 94 -13.77 -16.83 -16.72
N LYS A 95 -14.69 -17.77 -16.38
CA LYS A 95 -15.14 -18.05 -15.01
C LYS A 95 -14.04 -18.65 -14.13
N ALA A 96 -13.22 -19.57 -14.68
CA ALA A 96 -12.11 -20.20 -13.93
C ALA A 96 -11.03 -19.19 -13.57
N ILE A 97 -10.62 -18.33 -14.53
CA ILE A 97 -9.57 -17.32 -14.34
C ILE A 97 -10.07 -16.28 -13.32
N SER A 98 -11.35 -15.87 -13.45
CA SER A 98 -12.04 -14.91 -12.59
C SER A 98 -12.11 -15.40 -11.14
N ALA A 99 -12.35 -16.70 -10.92
CA ALA A 99 -12.45 -17.30 -9.59
C ALA A 99 -11.10 -17.46 -8.87
N ARG A 100 -10.00 -17.59 -9.65
CA ARG A 100 -8.66 -17.79 -9.12
C ARG A 100 -8.15 -16.55 -8.39
N LYS A 101 -7.88 -16.69 -7.09
CA LYS A 101 -7.43 -15.62 -6.21
C LYS A 101 -6.11 -16.01 -5.56
N ILE A 102 -5.36 -15.01 -5.08
CA ILE A 102 -4.07 -15.20 -4.42
C ILE A 102 -4.25 -16.08 -3.19
N ASN A 103 -3.33 -17.06 -3.02
CA ASN A 103 -3.28 -17.96 -1.88
C ASN A 103 -2.50 -17.19 -0.83
N ARG A 104 -3.20 -16.41 0.00
CA ARG A 104 -2.56 -15.55 1.02
C ARG A 104 -1.54 -16.21 1.95
N PRO A 105 -1.78 -17.43 2.54
CA PRO A 105 -0.72 -18.03 3.37
C PRO A 105 0.54 -18.42 2.57
N MET A 106 0.39 -18.79 1.28
CA MET A 106 1.55 -19.14 0.45
C MET A 106 2.35 -17.87 0.18
N LEU A 107 1.64 -16.77 -0.21
CA LEU A 107 2.29 -15.48 -0.43
C LEU A 107 2.99 -14.99 0.84
N GLN A 108 2.37 -15.18 2.03
CA GLN A 108 2.94 -14.80 3.31
C GLN A 108 4.27 -15.53 3.55
N ALA A 109 4.35 -16.84 3.17
CA ALA A 109 5.56 -17.63 3.36
C ALA A 109 6.68 -17.12 2.47
N ALA A 110 6.36 -16.79 1.19
CA ALA A 110 7.34 -16.27 0.23
C ALA A 110 7.89 -14.94 0.73
N LEU A 111 7.01 -14.09 1.29
CA LEU A 111 7.40 -12.80 1.85
C LEU A 111 8.38 -12.96 3.02
N MET A 112 8.13 -13.91 3.90
CA MET A 112 9.00 -14.17 5.05
C MET A 112 10.37 -14.68 4.60
N LEU A 113 10.39 -15.63 3.64
CA LEU A 113 11.65 -16.19 3.11
C LEU A 113 12.50 -15.08 2.51
N ARG A 114 11.87 -14.17 1.74
CA ARG A 114 12.56 -13.02 1.13
C ARG A 114 13.07 -12.04 2.20
N LYS A 115 12.27 -11.79 3.27
CA LYS A 115 12.64 -10.93 4.39
C LYS A 115 13.87 -11.51 5.11
N LYS A 116 14.02 -12.85 5.10
CA LYS A 116 15.16 -13.56 5.69
C LYS A 116 16.39 -13.74 4.77
N GLY A 117 16.39 -13.07 3.62
CA GLY A 117 17.52 -13.10 2.69
C GLY A 117 17.42 -14.00 1.48
N PHE A 118 16.33 -14.79 1.35
CA PHE A 118 16.13 -15.68 0.21
C PHE A 118 15.86 -14.92 -1.08
N THR A 119 16.31 -15.47 -2.21
CA THR A 119 15.97 -14.92 -3.53
C THR A 119 14.68 -15.67 -3.85
N THR A 120 13.62 -14.96 -4.24
CA THR A 120 12.38 -15.67 -4.56
C THR A 120 11.98 -15.48 -5.99
N ALA A 121 11.29 -16.45 -6.57
CA ALA A 121 10.84 -16.39 -7.94
C ALA A 121 9.55 -17.14 -8.17
N ILE A 122 8.83 -16.72 -9.19
CA ILE A 122 7.65 -17.41 -9.67
C ILE A 122 8.07 -18.00 -11.02
N LEU A 123 7.90 -19.31 -11.16
CA LEU A 123 8.14 -19.99 -12.42
C LEU A 123 6.79 -20.57 -12.82
N THR A 124 6.26 -20.14 -13.98
CA THR A 124 4.92 -20.58 -14.37
C THR A 124 4.70 -20.88 -15.85
N ASN A 125 3.88 -21.92 -16.12
CA ASN A 125 3.40 -22.23 -17.46
C ASN A 125 2.16 -21.37 -17.64
N THR A 126 2.27 -20.32 -18.44
CA THR A 126 1.15 -19.41 -18.66
C THR A 126 0.99 -19.04 -20.13
N TRP A 127 0.05 -18.15 -20.43
CA TRP A 127 -0.29 -17.74 -21.79
C TRP A 127 -0.33 -16.22 -21.99
N LEU A 128 -0.37 -15.78 -23.25
CA LEU A 128 -0.54 -14.39 -23.67
C LEU A 128 -2.03 -14.14 -23.72
N ASP A 129 -2.56 -13.41 -22.75
CA ASP A 129 -4.00 -13.21 -22.60
C ASP A 129 -4.49 -11.97 -23.29
N ASP A 130 -5.21 -12.15 -24.41
CA ASP A 130 -5.81 -11.08 -25.22
C ASP A 130 -7.35 -11.12 -25.15
N ARG A 131 -7.91 -11.79 -24.14
CA ARG A 131 -9.38 -11.82 -23.97
C ARG A 131 -9.88 -10.44 -23.57
N ALA A 132 -11.15 -10.12 -23.86
CA ALA A 132 -11.71 -8.83 -23.44
C ALA A 132 -11.60 -8.62 -21.92
N GLU A 133 -11.62 -9.74 -21.16
CA GLU A 133 -11.56 -9.77 -19.69
C GLU A 133 -10.14 -9.90 -19.09
N ARG A 134 -9.08 -9.80 -19.93
CA ARG A 134 -7.66 -9.94 -19.52
C ARG A 134 -7.19 -9.08 -18.32
N ASP A 135 -7.81 -7.92 -18.08
CA ASP A 135 -7.40 -7.04 -16.97
C ASP A 135 -7.41 -7.70 -15.60
N GLY A 136 -8.36 -8.61 -15.36
CA GLY A 136 -8.45 -9.33 -14.09
C GLY A 136 -7.16 -10.08 -13.77
N LEU A 137 -6.68 -10.86 -14.73
CA LEU A 137 -5.43 -11.62 -14.65
C LEU A 137 -4.25 -10.63 -14.55
N ALA A 138 -4.26 -9.53 -15.35
CA ALA A 138 -3.19 -8.53 -15.32
C ALA A 138 -3.05 -7.97 -13.89
N GLN A 139 -4.19 -7.66 -13.25
CA GLN A 139 -4.24 -7.15 -11.88
C GLN A 139 -3.63 -8.18 -10.88
N LEU A 140 -3.98 -9.47 -11.04
CA LEU A 140 -3.50 -10.55 -10.18
C LEU A 140 -2.00 -10.68 -10.29
N MET A 141 -1.47 -10.70 -11.52
CA MET A 141 -0.04 -10.84 -11.77
C MET A 141 0.72 -9.66 -11.21
N CYS A 142 0.18 -8.45 -11.34
CA CYS A 142 0.79 -7.24 -10.79
C CYS A 142 0.92 -7.29 -9.30
N GLU A 143 -0.17 -7.68 -8.61
CA GLU A 143 -0.17 -7.78 -7.16
C GLU A 143 0.89 -8.78 -6.71
N LEU A 144 0.90 -9.98 -7.31
CA LEU A 144 1.86 -11.02 -6.95
C LEU A 144 3.31 -10.70 -7.24
N LYS A 145 3.62 -10.28 -8.48
CA LYS A 145 4.99 -10.10 -8.96
C LYS A 145 5.86 -9.14 -8.19
N MET A 146 5.25 -8.10 -7.60
CA MET A 146 5.96 -7.06 -6.86
C MET A 146 6.68 -7.62 -5.64
N HIS A 147 6.23 -8.78 -5.13
CA HIS A 147 6.76 -9.42 -3.94
C HIS A 147 7.88 -10.40 -4.21
N PHE A 148 8.26 -10.56 -5.49
CA PHE A 148 9.29 -11.55 -5.87
C PHE A 148 10.45 -10.91 -6.62
N ASP A 149 11.62 -11.57 -6.57
CA ASP A 149 12.81 -11.10 -7.29
C ASP A 149 12.67 -11.33 -8.77
N PHE A 150 12.07 -12.47 -9.16
CA PHE A 150 11.88 -12.82 -10.57
C PHE A 150 10.54 -13.45 -10.86
N LEU A 151 10.06 -13.23 -12.09
CA LEU A 151 8.85 -13.84 -12.60
C LEU A 151 9.22 -14.43 -13.95
N ILE A 152 9.21 -15.75 -14.05
CA ILE A 152 9.56 -16.45 -15.29
C ILE A 152 8.29 -17.06 -15.82
N GLU A 153 7.85 -16.59 -16.99
CA GLU A 153 6.64 -17.04 -17.65
C GLU A 153 7.01 -17.81 -18.89
N SER A 154 6.48 -19.03 -19.01
CA SER A 154 6.72 -19.88 -20.18
C SER A 154 6.47 -19.19 -21.52
N CYS A 155 5.36 -18.41 -21.67
CA CYS A 155 5.01 -17.74 -22.92
C CYS A 155 5.95 -16.59 -23.32
N GLN A 156 6.77 -16.12 -22.39
CA GLN A 156 7.75 -15.07 -22.66
C GLN A 156 9.14 -15.63 -22.95
N VAL A 157 9.45 -16.79 -22.33
CA VAL A 157 10.76 -17.44 -22.52
C VAL A 157 10.77 -18.52 -23.62
N GLY A 158 9.59 -18.85 -24.16
CA GLY A 158 9.40 -19.85 -25.22
C GLY A 158 9.77 -21.27 -24.84
N MET A 159 9.73 -21.56 -23.52
CA MET A 159 10.07 -22.84 -22.90
C MET A 159 8.98 -23.19 -21.94
N VAL A 160 8.73 -24.48 -21.74
CA VAL A 160 7.64 -24.89 -20.87
C VAL A 160 8.07 -25.98 -19.89
N LYS A 161 7.49 -26.00 -18.68
CA LYS A 161 7.75 -27.12 -17.75
C LYS A 161 6.94 -28.28 -18.37
N PRO A 162 7.41 -29.55 -18.39
CA PRO A 162 8.62 -30.10 -17.76
C PRO A 162 9.89 -30.15 -18.64
N GLU A 163 10.01 -29.32 -19.70
CA GLU A 163 11.22 -29.35 -20.55
C GLU A 163 12.46 -29.04 -19.72
N PRO A 164 13.58 -29.80 -19.88
CA PRO A 164 14.76 -29.53 -19.05
C PRO A 164 15.37 -28.12 -19.17
N GLN A 165 15.28 -27.48 -20.36
CA GLN A 165 15.83 -26.13 -20.63
C GLN A 165 15.33 -25.03 -19.68
N ILE A 166 14.05 -25.07 -19.34
CA ILE A 166 13.45 -24.07 -18.44
C ILE A 166 14.06 -24.09 -17.03
N TYR A 167 14.46 -25.28 -16.55
CA TYR A 167 15.07 -25.46 -15.24
C TYR A 167 16.49 -24.93 -15.23
N LYS A 168 17.22 -25.12 -16.34
CA LYS A 168 18.57 -24.59 -16.50
C LYS A 168 18.48 -23.06 -16.61
N PHE A 169 17.43 -22.55 -17.28
CA PHE A 169 17.18 -21.11 -17.41
C PHE A 169 16.88 -20.54 -16.03
N LEU A 170 16.02 -21.22 -15.25
CA LEU A 170 15.71 -20.81 -13.87
C LEU A 170 16.97 -20.67 -13.03
N LEU A 171 17.84 -21.70 -13.05
CA LEU A 171 19.09 -21.66 -12.27
C LEU A 171 20.02 -20.53 -12.70
N ASP A 172 20.08 -20.26 -14.00
CA ASP A 172 20.88 -19.18 -14.55
C ASP A 172 20.37 -17.82 -14.04
N THR A 173 19.04 -17.62 -14.01
CA THR A 173 18.50 -16.33 -13.53
C THR A 173 18.64 -16.13 -12.04
N LEU A 174 18.55 -17.22 -11.26
CA LEU A 174 18.72 -17.19 -9.81
C LEU A 174 20.18 -17.03 -9.40
N LYS A 175 21.14 -17.36 -10.30
CA LYS A 175 22.59 -17.34 -10.02
C LYS A 175 22.84 -18.26 -8.80
N ALA A 176 22.30 -19.49 -8.87
CA ALA A 176 22.39 -20.47 -7.79
C ALA A 176 22.53 -21.90 -8.28
N SER A 177 23.23 -22.73 -7.49
CA SER A 177 23.40 -24.15 -7.79
C SER A 177 22.09 -24.86 -7.38
N PRO A 178 21.72 -25.99 -8.01
CA PRO A 178 20.40 -26.60 -7.68
C PRO A 178 20.11 -26.94 -6.22
N SER A 179 21.13 -27.39 -5.45
CA SER A 179 20.95 -27.78 -4.04
C SER A 179 20.56 -26.61 -3.12
N GLU A 180 20.82 -25.37 -3.57
CA GLU A 180 20.48 -24.11 -2.89
C GLU A 180 19.01 -23.69 -3.16
N VAL A 181 18.25 -24.46 -3.96
CA VAL A 181 16.89 -24.10 -4.37
C VAL A 181 15.76 -25.04 -3.92
N VAL A 182 14.68 -24.44 -3.33
CA VAL A 182 13.43 -25.13 -3.00
C VAL A 182 12.49 -24.79 -4.11
N PHE A 183 11.86 -25.79 -4.67
CA PHE A 183 10.94 -25.64 -5.77
C PHE A 183 9.58 -26.20 -5.37
N LEU A 184 8.55 -25.36 -5.38
CA LEU A 184 7.21 -25.78 -4.98
C LEU A 184 6.29 -25.81 -6.18
N ASP A 185 5.62 -26.95 -6.42
CA ASP A 185 4.70 -27.13 -7.56
C ASP A 185 3.55 -28.07 -7.18
N ASP A 186 2.39 -27.93 -7.86
CA ASP A 186 1.21 -28.78 -7.64
C ASP A 186 1.15 -29.95 -8.64
N ILE A 187 2.01 -29.92 -9.69
CA ILE A 187 2.08 -30.97 -10.72
C ILE A 187 3.38 -31.75 -10.54
N GLY A 188 3.26 -33.01 -10.10
CA GLY A 188 4.39 -33.91 -9.86
C GLY A 188 5.33 -34.09 -11.04
N ALA A 189 4.79 -34.14 -12.26
CA ALA A 189 5.55 -34.27 -13.50
C ALA A 189 6.44 -33.02 -13.71
N ASN A 190 5.93 -31.83 -13.31
CA ASN A 190 6.69 -30.58 -13.44
C ASN A 190 7.72 -30.43 -12.32
N LEU A 191 7.60 -31.28 -11.31
CA LEU A 191 8.49 -31.30 -10.18
C LEU A 191 9.71 -32.20 -10.46
N LYS A 192 9.50 -33.32 -11.17
CA LYS A 192 10.50 -34.32 -11.57
C LYS A 192 11.84 -33.73 -12.12
N PRO A 193 11.86 -32.82 -13.14
CA PRO A 193 13.17 -32.33 -13.63
C PRO A 193 13.97 -31.51 -12.63
N ALA A 194 13.29 -30.81 -11.70
CA ALA A 194 13.97 -30.04 -10.66
C ALA A 194 14.62 -31.00 -9.69
N ARG A 195 13.90 -32.08 -9.31
CA ARG A 195 14.43 -33.11 -8.39
C ARG A 195 15.67 -33.78 -9.04
N ASP A 196 15.55 -34.20 -10.32
CA ASP A 196 16.64 -34.82 -11.10
C ASP A 196 17.92 -33.97 -11.12
N LEU A 197 17.78 -32.64 -11.09
CA LEU A 197 18.88 -31.67 -11.06
C LEU A 197 19.49 -31.50 -9.66
N GLY A 198 18.76 -31.95 -8.63
CA GLY A 198 19.21 -31.85 -7.24
C GLY A 198 18.56 -30.75 -6.42
N MET A 199 17.39 -30.25 -6.87
CA MET A 199 16.67 -29.20 -6.13
C MET A 199 15.79 -29.85 -5.08
N VAL A 200 15.54 -29.14 -3.95
CA VAL A 200 14.57 -29.62 -2.95
C VAL A 200 13.19 -29.36 -3.59
N THR A 201 12.35 -30.37 -3.61
CA THR A 201 11.05 -30.24 -4.24
C THR A 201 9.91 -30.50 -3.29
N ILE A 202 8.86 -29.71 -3.43
CA ILE A 202 7.67 -29.87 -2.60
C ILE A 202 6.46 -29.97 -3.48
N LEU A 203 5.73 -31.08 -3.37
CA LEU A 203 4.49 -31.32 -4.09
C LEU A 203 3.39 -30.73 -3.24
N VAL A 204 2.69 -29.74 -3.82
CA VAL A 204 1.64 -28.97 -3.16
C VAL A 204 0.25 -29.51 -3.49
N GLN A 205 -0.45 -30.02 -2.47
CA GLN A 205 -1.84 -30.43 -2.57
C GLN A 205 -2.58 -29.37 -1.75
N ASP A 206 -2.59 -29.51 -0.43
CA ASP A 206 -3.19 -28.52 0.48
C ASP A 206 -2.05 -27.63 0.98
N THR A 207 -2.31 -26.33 1.10
CA THR A 207 -1.32 -25.33 1.55
C THR A 207 -0.61 -25.64 2.86
N ASP A 208 -1.36 -25.91 3.94
CA ASP A 208 -0.80 -26.19 5.27
C ASP A 208 0.31 -27.24 5.25
N THR A 209 0.06 -28.39 4.59
CA THR A 209 1.07 -29.46 4.51
C THR A 209 2.34 -29.00 3.78
N ALA A 210 2.17 -28.29 2.65
CA ALA A 210 3.28 -27.74 1.85
C ALA A 210 4.11 -26.76 2.65
N LEU A 211 3.46 -25.91 3.48
CA LEU A 211 4.18 -24.96 4.32
C LEU A 211 4.92 -25.62 5.46
N LYS A 212 4.40 -26.77 5.97
CA LYS A 212 5.05 -27.56 7.01
C LYS A 212 6.32 -28.14 6.41
N GLU A 213 6.24 -28.68 5.17
CA GLU A 213 7.42 -29.22 4.47
C GLU A 213 8.43 -28.10 4.24
N LEU A 214 7.94 -26.91 3.86
CA LEU A 214 8.79 -25.74 3.59
C LEU A 214 9.52 -25.23 4.81
N GLU A 215 8.83 -25.10 5.97
CA GLU A 215 9.51 -24.61 7.17
C GLU A 215 10.53 -25.63 7.71
N LYS A 216 10.27 -26.93 7.51
CA LYS A 216 11.15 -28.03 7.93
C LYS A 216 12.46 -27.97 7.14
N VAL A 217 12.33 -27.82 5.82
CA VAL A 217 13.52 -27.77 4.95
C VAL A 217 14.35 -26.47 5.04
N THR A 218 13.71 -25.30 5.33
CA THR A 218 14.41 -24.01 5.41
C THR A 218 14.88 -23.62 6.82
N GLY A 219 14.21 -24.14 7.84
CA GLY A 219 14.49 -23.83 9.23
C GLY A 219 13.92 -22.50 9.68
N ILE A 220 12.97 -21.95 8.90
CA ILE A 220 12.31 -20.65 9.18
C ILE A 220 10.85 -20.90 9.51
N GLN A 221 10.32 -20.25 10.57
CA GLN A 221 8.91 -20.36 10.94
C GLN A 221 8.05 -19.68 9.86
N LEU A 222 7.17 -20.44 9.22
CA LEU A 222 6.32 -19.89 8.15
C LEU A 222 4.83 -20.07 8.43
N LEU A 223 4.48 -21.09 9.22
CA LEU A 223 3.10 -21.38 9.56
C LEU A 223 2.77 -20.86 10.96
N ASN A 224 1.51 -20.40 11.18
CA ASN A 224 1.04 -19.93 12.51
C ASN A 224 1.78 -18.68 12.97
N THR A 225 2.44 -18.01 12.05
CA THR A 225 3.27 -16.86 12.33
C THR A 225 2.41 -15.58 12.59
N PRO A 226 2.93 -14.58 13.29
CA PRO A 226 2.13 -13.38 13.58
C PRO A 226 1.94 -12.47 12.36
N ALA A 227 1.25 -11.35 12.57
CA ALA A 227 1.10 -10.29 11.57
C ALA A 227 0.85 -10.80 10.15
N PRO A 228 1.53 -10.25 9.15
CA PRO A 228 2.57 -9.23 9.32
C PRO A 228 2.07 -7.82 9.02
N LEU A 229 3.00 -6.89 8.83
CA LEU A 229 2.64 -5.49 8.58
C LEU A 229 2.22 -5.36 7.11
N PRO A 230 1.37 -4.36 6.76
CA PRO A 230 1.02 -4.17 5.35
C PRO A 230 2.29 -3.90 4.54
N THR A 231 2.23 -4.08 3.22
CA THR A 231 3.35 -3.82 2.33
C THR A 231 3.77 -2.34 2.50
N SER A 232 5.07 -2.06 2.53
CA SER A 232 5.53 -0.68 2.70
C SER A 232 6.03 -0.15 1.32
N CYS A 233 6.67 1.02 1.27
CA CYS A 233 7.20 1.63 0.03
C CYS A 233 8.69 1.70 0.06
N ASN A 234 9.31 1.40 -1.10
CA ASN A 234 10.74 1.57 -1.27
C ASN A 234 10.82 2.88 -2.07
N PRO A 235 11.30 4.00 -1.45
CA PRO A 235 11.29 5.31 -2.14
C PRO A 235 11.83 5.33 -3.56
N SER A 236 12.91 4.56 -3.82
CA SER A 236 13.52 4.50 -5.15
C SER A 236 12.69 3.71 -6.18
N ASP A 237 11.68 2.94 -5.74
CA ASP A 237 10.81 2.18 -6.63
C ASP A 237 9.48 2.89 -6.96
N MET A 238 9.31 4.12 -6.46
CA MET A 238 8.03 4.81 -6.65
C MET A 238 8.09 5.78 -7.84
N SER A 239 6.91 6.14 -8.37
CA SER A 239 6.83 7.17 -9.41
C SER A 239 6.82 8.51 -8.60
N HIS A 240 7.74 9.42 -8.90
CA HIS A 240 7.84 10.73 -8.21
C HIS A 240 7.38 11.82 -9.16
N GLY A 241 6.40 12.61 -8.72
CA GLY A 241 5.81 13.70 -9.49
C GLY A 241 6.12 15.08 -8.93
N TYR A 242 6.19 16.09 -9.82
CA TYR A 242 6.53 17.45 -9.43
C TYR A 242 5.67 18.41 -10.19
N VAL A 243 5.01 19.33 -9.47
CA VAL A 243 4.12 20.33 -10.07
C VAL A 243 4.52 21.71 -9.56
N THR A 244 4.70 22.68 -10.46
CA THR A 244 4.98 24.06 -10.04
C THR A 244 3.65 24.74 -9.83
N VAL A 245 3.35 25.15 -8.60
CA VAL A 245 2.05 25.78 -8.31
C VAL A 245 2.11 27.30 -8.45
N LYS A 246 3.32 27.85 -8.38
CA LYS A 246 3.62 29.27 -8.59
C LYS A 246 5.13 29.48 -8.73
N PRO A 247 5.62 30.64 -9.27
CA PRO A 247 7.06 30.81 -9.50
C PRO A 247 8.06 30.17 -8.54
N ARG A 248 7.96 30.41 -7.25
CA ARG A 248 8.98 29.81 -6.36
C ARG A 248 8.51 28.56 -5.61
N VAL A 249 7.34 28.00 -5.95
CA VAL A 249 6.79 26.86 -5.21
C VAL A 249 6.47 25.67 -6.13
N ARG A 250 7.13 24.56 -5.87
CA ARG A 250 6.87 23.30 -6.53
C ARG A 250 6.46 22.28 -5.45
N LEU A 251 5.48 21.43 -5.76
CA LEU A 251 5.07 20.36 -4.85
C LEU A 251 5.48 19.01 -5.40
N HIS A 252 6.08 18.18 -4.55
CA HIS A 252 6.47 16.84 -4.91
C HIS A 252 5.42 15.89 -4.31
N PHE A 253 5.19 14.77 -5.01
CA PHE A 253 4.29 13.71 -4.57
C PHE A 253 4.75 12.39 -5.12
N VAL A 254 4.34 11.31 -4.48
CA VAL A 254 4.57 9.96 -4.97
C VAL A 254 3.18 9.49 -5.44
N GLU A 255 3.12 8.75 -6.57
CA GLU A 255 1.86 8.33 -7.17
C GLU A 255 1.82 6.85 -7.44
N LEU A 256 0.71 6.20 -7.07
CA LEU A 256 0.58 4.76 -7.30
C LEU A 256 -0.88 4.39 -7.47
N GLY A 257 -1.15 3.57 -8.48
CA GLY A 257 -2.49 3.05 -8.70
C GLY A 257 -3.35 3.77 -9.72
N SER A 258 -4.51 3.18 -10.01
CA SER A 258 -5.49 3.75 -10.92
C SER A 258 -6.80 3.80 -10.19
N GLY A 259 -7.66 4.72 -10.60
CA GLY A 259 -8.99 4.89 -10.04
C GLY A 259 -9.21 6.31 -9.54
N PRO A 260 -10.20 6.52 -8.65
CA PRO A 260 -10.43 7.87 -8.11
C PRO A 260 -9.19 8.38 -7.40
N ALA A 261 -8.86 9.64 -7.63
CA ALA A 261 -7.67 10.25 -6.99
C ALA A 261 -7.88 10.40 -5.48
N VAL A 262 -6.86 9.99 -4.72
CA VAL A 262 -6.84 10.08 -3.26
C VAL A 262 -5.57 10.80 -2.89
N CYS A 263 -5.72 11.98 -2.33
CA CYS A 263 -4.59 12.84 -1.95
C CYS A 263 -4.32 12.70 -0.44
N LEU A 264 -3.16 12.19 -0.11
CA LEU A 264 -2.76 11.99 1.29
C LEU A 264 -1.90 13.16 1.75
N CYS A 265 -2.28 13.77 2.89
CA CYS A 265 -1.62 14.98 3.44
C CYS A 265 -1.08 14.74 4.84
N HIS A 266 0.24 14.62 4.97
CA HIS A 266 0.92 14.33 6.23
C HIS A 266 0.92 15.51 7.20
N GLY A 267 1.39 15.26 8.40
CA GLY A 267 1.45 16.26 9.46
C GLY A 267 2.87 16.69 9.77
N PHE A 268 3.05 17.23 11.00
CA PHE A 268 4.35 17.74 11.46
C PHE A 268 5.08 16.75 12.38
N PRO A 269 6.40 16.55 12.21
CA PRO A 269 7.27 16.99 11.10
C PRO A 269 7.48 15.74 10.24
N GLU A 270 6.59 15.52 9.26
CA GLU A 270 6.61 14.26 8.54
C GLU A 270 7.02 14.30 7.07
N SER A 271 6.44 13.44 6.23
CA SER A 271 6.84 13.24 4.85
C SER A 271 5.74 12.50 4.12
N TRP A 272 5.79 12.44 2.78
CA TRP A 272 4.93 11.53 2.04
C TRP A 272 5.10 10.10 2.59
N TYR A 273 6.33 9.78 3.06
CA TYR A 273 6.74 8.47 3.55
C TYR A 273 6.03 8.03 4.82
N SER A 274 5.43 8.97 5.53
CA SER A 274 4.61 8.60 6.68
C SER A 274 3.37 7.78 6.25
N TRP A 275 3.02 7.78 4.93
CA TRP A 275 1.89 7.01 4.41
C TRP A 275 2.38 5.70 3.75
N ARG A 276 3.66 5.33 3.95
CA ARG A 276 4.24 4.15 3.32
C ARG A 276 3.40 2.88 3.44
N TYR A 277 2.72 2.65 4.59
CA TYR A 277 1.89 1.45 4.75
C TYR A 277 0.52 1.59 4.08
N GLN A 278 0.10 2.83 3.78
CA GLN A 278 -1.21 3.04 3.19
C GLN A 278 -1.15 3.06 1.67
N ILE A 279 -0.05 3.59 1.09
CA ILE A 279 0.06 3.75 -0.37
C ILE A 279 -0.21 2.44 -1.17
N PRO A 280 0.51 1.34 -0.92
CA PRO A 280 0.24 0.10 -1.66
C PRO A 280 -1.14 -0.45 -1.40
N ALA A 281 -1.64 -0.39 -0.12
CA ALA A 281 -2.97 -0.89 0.23
C ALA A 281 -4.07 -0.15 -0.50
N LEU A 282 -4.03 1.20 -0.52
CA LEU A 282 -5.06 1.98 -1.18
C LEU A 282 -5.02 1.80 -2.71
N ALA A 283 -3.82 1.71 -3.29
CA ALA A 283 -3.70 1.49 -4.74
C ALA A 283 -4.31 0.11 -5.10
N GLN A 284 -3.99 -0.92 -4.27
CA GLN A 284 -4.53 -2.28 -4.48
C GLN A 284 -6.06 -2.31 -4.35
N ALA A 285 -6.62 -1.42 -3.50
CA ALA A 285 -8.07 -1.31 -3.29
C ALA A 285 -8.83 -0.65 -4.45
N GLY A 286 -8.08 -0.10 -5.43
CA GLY A 286 -8.66 0.49 -6.64
C GLY A 286 -8.65 2.01 -6.69
N TYR A 287 -7.63 2.62 -6.06
CA TYR A 287 -7.52 4.09 -6.02
C TYR A 287 -6.20 4.58 -6.58
N ARG A 288 -6.20 5.82 -7.07
CA ARG A 288 -5.00 6.48 -7.56
C ARG A 288 -4.49 7.32 -6.40
N VAL A 289 -3.43 6.85 -5.77
CA VAL A 289 -2.90 7.53 -4.59
C VAL A 289 -1.89 8.61 -4.95
N LEU A 290 -2.06 9.81 -4.40
CA LEU A 290 -1.09 10.89 -4.57
C LEU A 290 -0.61 11.25 -3.15
N ALA A 291 0.59 10.76 -2.75
CA ALA A 291 1.05 11.03 -1.37
C ALA A 291 1.97 12.26 -1.43
N MET A 292 1.53 13.36 -0.84
CA MET A 292 2.24 14.63 -0.92
C MET A 292 3.42 14.76 0.00
N ASP A 293 4.41 15.57 -0.41
CA ASP A 293 5.38 16.17 0.47
C ASP A 293 4.69 17.55 0.61
N MET A 294 4.17 17.88 1.81
CA MET A 294 3.47 19.16 2.01
C MET A 294 4.44 20.35 1.87
N LYS A 295 3.93 21.54 1.62
CA LYS A 295 4.81 22.71 1.45
C LYS A 295 5.71 22.84 2.70
N GLY A 296 7.01 23.04 2.44
CA GLY A 296 8.02 23.14 3.49
C GLY A 296 8.78 21.85 3.76
N TYR A 297 8.37 20.74 3.11
CA TYR A 297 8.93 19.44 3.38
C TYR A 297 9.54 18.72 2.19
N GLY A 298 10.53 17.88 2.49
CA GLY A 298 11.14 16.93 1.55
C GLY A 298 11.56 17.57 0.24
N GLU A 299 11.01 17.07 -0.87
CA GLU A 299 11.32 17.57 -2.20
C GLU A 299 10.41 18.70 -2.66
N SER A 300 9.45 19.12 -1.80
CA SER A 300 8.62 20.28 -2.10
C SER A 300 9.38 21.52 -1.71
N SER A 301 9.02 22.66 -2.31
CA SER A 301 9.69 23.94 -2.01
C SER A 301 9.39 24.38 -0.58
N ALA A 302 10.36 25.09 0.03
CA ALA A 302 10.24 25.59 1.39
C ALA A 302 10.63 27.06 1.47
N PRO A 303 9.77 27.99 0.97
CA PRO A 303 10.12 29.42 1.08
C PRO A 303 10.17 29.82 2.55
N PRO A 304 11.03 30.81 2.90
CA PRO A 304 11.23 31.12 4.34
C PRO A 304 10.11 31.90 5.02
N GLU A 305 9.31 32.66 4.24
CA GLU A 305 8.29 33.59 4.74
C GLU A 305 7.18 32.89 5.51
N ILE A 306 6.88 33.37 6.72
CA ILE A 306 5.83 32.81 7.56
C ILE A 306 4.47 32.70 6.86
N GLU A 307 4.05 33.79 6.19
CA GLU A 307 2.78 33.96 5.48
C GLU A 307 2.57 32.95 4.33
N GLU A 308 3.65 32.33 3.84
CA GLU A 308 3.58 31.31 2.78
C GLU A 308 2.93 30.02 3.35
N TYR A 309 2.79 29.94 4.69
CA TYR A 309 2.31 28.75 5.36
C TYR A 309 0.97 28.93 6.08
N CYS A 310 0.27 30.03 5.78
CA CYS A 310 -1.06 30.18 6.33
C CYS A 310 -2.02 29.25 5.58
N MET A 311 -3.09 28.80 6.24
CA MET A 311 -4.03 27.84 5.64
C MET A 311 -4.65 28.31 4.33
N GLU A 312 -4.96 29.62 4.21
CA GLU A 312 -5.54 30.16 2.97
C GLU A 312 -4.60 29.92 1.77
N VAL A 313 -3.28 30.19 1.94
CA VAL A 313 -2.35 29.97 0.85
C VAL A 313 -2.08 28.49 0.62
N LEU A 314 -1.97 27.70 1.68
CA LEU A 314 -1.73 26.25 1.53
C LEU A 314 -2.89 25.59 0.78
N CYS A 315 -4.13 25.98 1.12
CA CYS A 315 -5.31 25.44 0.45
C CYS A 315 -5.37 25.88 -1.03
N LYS A 316 -5.09 27.17 -1.31
CA LYS A 316 -5.08 27.73 -2.66
C LYS A 316 -4.09 26.94 -3.52
N GLU A 317 -2.91 26.66 -2.97
CA GLU A 317 -1.87 25.88 -3.65
C GLU A 317 -2.30 24.45 -3.93
N MET A 318 -3.06 23.82 -3.01
CA MET A 318 -3.52 22.45 -3.24
C MET A 318 -4.58 22.46 -4.36
N VAL A 319 -5.38 23.53 -4.46
CA VAL A 319 -6.37 23.68 -5.56
C VAL A 319 -5.57 23.85 -6.87
N THR A 320 -4.51 24.68 -6.88
CA THR A 320 -3.67 24.85 -8.07
C THR A 320 -3.03 23.51 -8.46
N PHE A 321 -2.58 22.73 -7.46
CA PHE A 321 -2.00 21.42 -7.69
C PHE A 321 -3.01 20.55 -8.50
N LEU A 322 -4.27 20.48 -8.04
CA LEU A 322 -5.30 19.73 -8.75
C LEU A 322 -5.47 20.26 -10.18
N ASP A 323 -5.56 21.58 -10.34
CA ASP A 323 -5.74 22.25 -11.66
C ASP A 323 -4.64 21.82 -12.64
N LYS A 324 -3.36 21.85 -12.19
CA LYS A 324 -2.21 21.50 -13.04
C LYS A 324 -2.15 20.04 -13.42
N LEU A 325 -2.64 19.15 -12.54
CA LEU A 325 -2.70 17.71 -12.83
C LEU A 325 -3.94 17.33 -13.65
N GLY A 326 -4.84 18.28 -13.87
CA GLY A 326 -6.08 18.09 -14.60
C GLY A 326 -7.10 17.25 -13.85
N LEU A 327 -7.15 17.42 -12.51
CA LEU A 327 -8.08 16.68 -11.66
C LEU A 327 -9.19 17.60 -11.19
N SER A 328 -10.44 17.27 -11.52
CA SER A 328 -11.55 18.13 -11.09
C SER A 328 -11.78 17.97 -9.58
N GLN A 329 -11.47 16.78 -9.04
CA GLN A 329 -11.60 16.48 -7.61
C GLN A 329 -10.59 15.45 -7.17
N ALA A 330 -10.41 15.34 -5.86
CA ALA A 330 -9.67 14.25 -5.24
C ALA A 330 -10.33 14.00 -3.89
N VAL A 331 -10.20 12.79 -3.36
CA VAL A 331 -10.59 12.58 -1.98
C VAL A 331 -9.37 13.04 -1.17
N PHE A 332 -9.59 13.81 -0.12
CA PHE A 332 -8.48 14.34 0.68
C PHE A 332 -8.44 13.65 2.03
N ILE A 333 -7.31 13.05 2.37
CA ILE A 333 -7.14 12.36 3.66
C ILE A 333 -5.94 12.97 4.33
N GLY A 334 -6.17 13.52 5.52
CA GLY A 334 -5.05 14.16 6.23
C GLY A 334 -4.79 13.63 7.63
N HIS A 335 -3.61 13.90 8.14
CA HIS A 335 -3.25 13.53 9.49
C HIS A 335 -2.54 14.70 10.14
N ASP A 336 -2.87 14.97 11.40
CA ASP A 336 -2.22 16.05 12.11
C ASP A 336 -2.48 17.38 11.37
N TRP A 337 -1.43 18.12 11.05
CA TRP A 337 -1.61 19.38 10.33
C TRP A 337 -2.29 19.17 8.98
N GLY A 338 -1.98 18.05 8.35
CA GLY A 338 -2.63 17.68 7.07
C GLY A 338 -4.13 17.48 7.25
N GLY A 339 -4.54 17.01 8.45
CA GLY A 339 -5.94 16.82 8.80
C GLY A 339 -6.65 18.15 8.94
N MET A 340 -5.97 19.17 9.52
CA MET A 340 -6.53 20.50 9.61
C MET A 340 -6.71 21.06 8.21
N LEU A 341 -5.70 20.87 7.35
CA LEU A 341 -5.76 21.34 5.95
C LEU A 341 -6.98 20.75 5.22
N VAL A 342 -7.19 19.44 5.33
CA VAL A 342 -8.28 18.78 4.60
C VAL A 342 -9.68 19.24 5.04
N TRP A 343 -9.88 19.54 6.36
CA TRP A 343 -11.18 20.09 6.80
C TRP A 343 -11.39 21.47 6.16
N TYR A 344 -10.31 22.27 6.02
CA TYR A 344 -10.44 23.59 5.41
C TYR A 344 -10.62 23.49 3.89
N MET A 345 -10.07 22.44 3.27
CA MET A 345 -10.33 22.20 1.84
C MET A 345 -11.83 21.91 1.66
N ALA A 346 -12.40 21.08 2.54
CA ALA A 346 -13.83 20.74 2.50
C ALA A 346 -14.73 21.98 2.70
N LEU A 347 -14.34 22.91 3.57
CA LEU A 347 -15.13 24.12 3.84
C LEU A 347 -15.05 25.20 2.78
N PHE A 348 -13.88 25.39 2.17
CA PHE A 348 -13.63 26.45 1.20
C PHE A 348 -13.67 26.02 -0.25
N TYR A 349 -13.43 24.73 -0.53
CA TYR A 349 -13.41 24.23 -1.90
C TYR A 349 -14.19 22.90 -2.01
N PRO A 350 -15.45 22.84 -1.54
CA PRO A 350 -16.20 21.57 -1.60
C PRO A 350 -16.33 20.97 -2.99
N GLU A 351 -16.39 21.81 -4.02
CA GLU A 351 -16.49 21.33 -5.40
C GLU A 351 -15.28 20.50 -5.86
N ARG A 352 -14.12 20.71 -5.21
CA ARG A 352 -12.86 20.02 -5.54
C ARG A 352 -12.58 18.81 -4.65
N VAL A 353 -13.39 18.65 -3.63
CA VAL A 353 -13.19 17.59 -2.65
C VAL A 353 -14.27 16.52 -2.81
N ARG A 354 -13.88 15.35 -3.33
CA ARG A 354 -14.82 14.25 -3.54
C ARG A 354 -15.34 13.75 -2.17
N ALA A 355 -14.43 13.69 -1.17
CA ALA A 355 -14.75 13.24 0.19
C ALA A 355 -13.56 13.64 1.08
N VAL A 356 -13.79 13.74 2.38
CA VAL A 356 -12.72 14.15 3.28
C VAL A 356 -12.55 13.22 4.46
N ALA A 357 -11.31 12.89 4.83
CA ALA A 357 -11.09 12.08 6.03
C ALA A 357 -9.94 12.67 6.81
N SER A 358 -10.03 12.61 8.14
CA SER A 358 -8.96 13.06 9.00
C SER A 358 -8.60 12.02 10.05
N LEU A 359 -7.31 11.82 10.23
CA LEU A 359 -6.81 10.97 11.31
C LEU A 359 -6.38 11.86 12.47
N ASN A 360 -7.00 11.66 13.63
CA ASN A 360 -6.61 12.36 14.85
C ASN A 360 -7.11 13.80 14.97
N THR A 361 -6.90 14.58 13.93
CA THR A 361 -7.24 16.00 13.97
C THR A 361 -8.74 16.24 13.84
N PRO A 362 -9.34 16.85 14.85
CA PRO A 362 -10.78 17.10 14.80
C PRO A 362 -11.07 18.36 14.03
N PHE A 363 -12.34 18.55 13.70
CA PHE A 363 -12.75 19.81 13.13
C PHE A 363 -13.36 20.60 14.29
N ILE A 364 -12.70 21.67 14.70
CA ILE A 364 -13.22 22.57 15.74
C ILE A 364 -13.30 23.95 15.06
N PRO A 365 -14.47 24.59 15.06
CA PRO A 365 -14.58 25.90 14.39
C PRO A 365 -13.82 26.98 15.15
N ALA A 366 -13.53 28.10 14.47
CA ALA A 366 -12.86 29.23 15.09
C ALA A 366 -13.78 29.78 16.16
N ASN A 367 -13.21 30.29 17.26
CA ASN A 367 -14.01 30.94 18.29
C ASN A 367 -13.91 32.43 18.00
N PRO A 368 -14.97 33.10 17.51
CA PRO A 368 -14.84 34.54 17.18
C PRO A 368 -14.71 35.44 18.40
N ASN A 369 -14.92 34.88 19.61
CA ASN A 369 -14.88 35.64 20.86
C ASN A 369 -13.60 35.40 21.68
N MET A 370 -12.60 34.73 21.09
CA MET A 370 -11.34 34.45 21.75
C MET A 370 -10.21 34.42 20.73
N SER A 371 -9.07 35.04 21.08
CA SER A 371 -7.86 35.04 20.25
C SER A 371 -7.30 33.63 20.24
N PRO A 372 -6.69 33.15 19.13
CA PRO A 372 -6.12 31.78 19.15
C PRO A 372 -5.07 31.58 20.26
N LEU A 373 -4.28 32.62 20.60
CA LEU A 373 -3.29 32.54 21.68
C LEU A 373 -3.91 32.30 23.06
N GLU A 374 -5.10 32.88 23.32
CA GLU A 374 -5.87 32.69 24.56
C GLU A 374 -6.32 31.21 24.64
N SER A 375 -6.82 30.67 23.50
CA SER A 375 -7.29 29.29 23.36
C SER A 375 -6.14 28.28 23.59
N ILE A 376 -4.93 28.62 23.10
CA ILE A 376 -3.72 27.78 23.21
C ILE A 376 -3.22 27.73 24.66
N LYS A 377 -3.02 28.90 25.29
CA LYS A 377 -2.53 29.05 26.66
C LYS A 377 -3.39 28.28 27.68
N ALA A 378 -4.70 28.14 27.38
CA ALA A 378 -5.70 27.46 28.21
C ALA A 378 -5.39 25.97 28.42
N ASN A 379 -5.05 25.23 27.36
CA ASN A 379 -4.77 23.80 27.45
C ASN A 379 -3.27 23.50 27.65
N PRO A 380 -2.89 22.98 28.85
CA PRO A 380 -1.46 22.70 29.13
C PRO A 380 -0.72 21.83 28.13
N VAL A 381 -1.43 20.93 27.41
CA VAL A 381 -0.79 20.05 26.42
C VAL A 381 -0.28 20.81 25.18
N PHE A 382 -0.89 21.97 24.84
CA PHE A 382 -0.50 22.81 23.71
C PHE A 382 0.62 23.84 23.99
N ASP A 383 1.35 23.71 25.13
CA ASP A 383 2.44 24.61 25.53
C ASP A 383 3.61 24.61 24.56
N TYR A 384 3.97 23.43 24.02
CA TYR A 384 5.04 23.31 23.02
C TYR A 384 4.75 24.24 21.81
N GLN A 385 3.46 24.52 21.51
CA GLN A 385 3.09 25.40 20.38
C GLN A 385 3.56 26.85 20.62
N LEU A 386 3.62 27.31 21.90
CA LEU A 386 4.09 28.68 22.20
C LEU A 386 5.59 28.72 22.00
N TYR A 387 6.26 27.60 22.33
CA TYR A 387 7.70 27.42 22.13
C TYR A 387 8.03 27.50 20.62
N PHE A 388 7.13 27.02 19.76
CA PHE A 388 7.33 27.02 18.31
C PHE A 388 7.14 28.39 17.66
N GLN A 389 6.64 29.40 18.39
CA GLN A 389 6.34 30.72 17.81
C GLN A 389 7.53 31.53 17.35
N GLU A 390 8.52 31.72 18.23
CA GLU A 390 9.70 32.55 17.95
C GLU A 390 10.58 31.96 16.86
N PRO A 391 10.68 32.65 15.70
CA PRO A 391 11.50 32.11 14.61
C PRO A 391 12.97 31.87 14.99
N GLY A 392 13.43 30.64 14.74
CA GLY A 392 14.82 30.25 14.99
C GLY A 392 15.07 29.36 16.19
N VAL A 393 14.30 29.56 17.27
CA VAL A 393 14.45 28.83 18.52
C VAL A 393 14.20 27.33 18.38
N ALA A 394 12.98 26.94 17.95
CA ALA A 394 12.72 25.52 17.78
C ALA A 394 13.52 24.94 16.60
N GLU A 395 13.77 25.74 15.53
CA GLU A 395 14.57 25.29 14.37
C GLU A 395 15.92 24.78 14.86
N ALA A 396 16.61 25.59 15.68
CA ALA A 396 17.92 25.24 16.21
C ALA A 396 17.90 23.95 17.00
N GLU A 397 16.93 23.77 17.92
CA GLU A 397 16.82 22.53 18.70
C GLU A 397 16.49 21.31 17.84
N LEU A 398 15.54 21.46 16.90
CA LEU A 398 15.17 20.32 16.06
C LEU A 398 16.21 19.94 15.03
N GLU A 399 16.97 20.92 14.50
CA GLU A 399 18.02 20.71 13.46
C GLU A 399 19.38 20.25 14.02
N GLN A 400 19.64 20.47 15.32
CA GLN A 400 20.92 20.16 15.98
C GLN A 400 21.37 18.70 15.79
N ASN A 401 20.45 17.75 15.91
CA ASN A 401 20.72 16.32 15.73
C ASN A 401 19.45 15.70 15.16
N LEU A 402 19.40 15.49 13.84
CA LEU A 402 18.20 14.96 13.17
C LEU A 402 17.81 13.56 13.60
N SER A 403 18.80 12.65 13.74
CA SER A 403 18.52 11.29 14.18
C SER A 403 17.85 11.31 15.56
N ARG A 404 18.39 12.12 16.50
CA ARG A 404 17.81 12.29 17.83
C ARG A 404 16.38 12.85 17.75
N THR A 405 16.14 13.89 16.91
CA THR A 405 14.82 14.50 16.75
C THR A 405 13.79 13.44 16.38
N PHE A 406 14.01 12.70 15.27
CA PHE A 406 13.05 11.69 14.79
C PHE A 406 12.92 10.47 15.71
N LYS A 407 14.03 10.03 16.31
CA LYS A 407 13.94 8.91 17.26
C LYS A 407 13.16 9.30 18.53
N SER A 408 13.29 10.57 18.98
CA SER A 408 12.57 11.06 20.16
C SER A 408 11.08 11.24 19.86
N LEU A 409 10.76 11.71 18.64
CA LEU A 409 9.37 11.96 18.25
C LEU A 409 8.58 10.69 17.89
N PHE A 410 9.12 9.86 16.98
CA PHE A 410 8.40 8.71 16.47
C PHE A 410 8.42 7.53 17.41
N ARG A 411 7.54 7.58 18.42
CA ARG A 411 7.43 6.53 19.44
C ARG A 411 5.97 6.14 19.70
N ALA A 412 5.76 4.87 20.10
CA ALA A 412 4.43 4.35 20.46
C ALA A 412 4.04 4.94 21.82
N SER A 413 2.73 4.94 22.15
CA SER A 413 2.18 5.56 23.37
C SER A 413 2.85 5.15 24.70
N ASP A 414 3.36 3.91 24.78
CA ASP A 414 4.02 3.35 25.96
C ASP A 414 5.54 3.60 25.95
N GLU A 415 6.06 4.18 24.86
CA GLU A 415 7.49 4.46 24.72
C GLU A 415 7.80 5.92 25.01
N SER A 416 6.79 6.68 25.50
CA SER A 416 6.84 8.10 25.85
C SER A 416 8.19 8.53 26.43
N VAL A 417 8.87 9.42 25.71
CA VAL A 417 10.18 9.98 26.06
C VAL A 417 10.08 11.52 26.26
N LEU A 418 8.95 12.10 25.80
CA LEU A 418 8.66 13.54 25.90
C LEU A 418 7.44 13.84 26.78
N SER A 419 7.45 15.02 27.42
CA SER A 419 6.37 15.56 28.26
C SER A 419 6.13 16.99 27.78
N MET A 420 5.14 17.17 26.89
CA MET A 420 4.81 18.45 26.25
C MET A 420 4.24 19.58 27.12
N HIS A 421 4.13 19.33 28.45
CA HIS A 421 3.70 20.34 29.42
C HIS A 421 4.94 20.99 30.01
N LYS A 422 4.92 22.32 30.15
CA LYS A 422 6.03 23.12 30.66
C LYS A 422 7.31 23.06 29.78
N VAL A 423 7.12 22.99 28.44
CA VAL A 423 8.18 22.97 27.42
C VAL A 423 8.94 24.31 27.41
N CYS A 424 8.20 25.44 27.48
CA CYS A 424 8.76 26.79 27.52
C CYS A 424 9.59 27.00 28.79
N GLU A 425 9.01 26.63 29.97
CA GLU A 425 9.62 26.71 31.31
C GLU A 425 10.92 25.90 31.36
N ALA A 426 10.88 24.67 30.80
CA ALA A 426 12.02 23.77 30.72
C ALA A 426 13.03 24.24 29.67
N GLY A 427 12.58 25.01 28.69
CA GLY A 427 13.43 25.57 27.64
C GLY A 427 13.68 24.71 26.41
N GLY A 428 12.79 23.77 26.13
CA GLY A 428 12.92 22.92 24.95
C GLY A 428 12.12 21.64 24.99
N LEU A 429 11.99 20.99 23.81
CA LEU A 429 11.28 19.72 23.65
C LEU A 429 12.08 18.58 24.21
N PHE A 430 13.42 18.61 23.99
CA PHE A 430 14.35 17.53 24.34
C PHE A 430 15.28 17.80 25.55
N VAL A 431 14.98 18.83 26.35
CA VAL A 431 15.79 19.21 27.52
C VAL A 431 16.01 18.07 28.53
N ASN A 432 14.95 17.29 28.83
CA ASN A 432 15.08 16.14 29.73
C ASN A 432 14.79 14.83 28.98
N SER A 433 15.31 14.76 27.72
CA SER A 433 15.19 13.63 26.80
C SER A 433 16.58 13.09 26.48
N PRO A 434 16.75 11.76 26.22
CA PRO A 434 18.11 11.23 25.96
C PRO A 434 18.78 11.78 24.72
N GLU A 435 20.13 11.81 24.72
CA GLU A 435 20.91 12.27 23.56
C GLU A 435 20.90 11.21 22.48
N GLU A 436 20.91 9.93 22.91
CA GLU A 436 20.88 8.76 22.05
C GLU A 436 19.63 7.94 22.39
N PRO A 437 18.42 8.36 21.92
CA PRO A 437 17.21 7.57 22.23
C PRO A 437 17.25 6.17 21.63
N SER A 438 16.55 5.23 22.28
CA SER A 438 16.43 3.87 21.76
C SER A 438 15.50 3.93 20.55
N LEU A 439 15.59 2.96 19.65
CA LEU A 439 14.75 2.91 18.47
C LEU A 439 13.36 2.35 18.85
N SER A 440 12.30 3.10 18.52
CA SER A 440 10.93 2.66 18.76
C SER A 440 10.65 1.38 17.97
N ARG A 441 9.76 0.52 18.50
CA ARG A 441 9.32 -0.71 17.81
C ARG A 441 8.51 -0.40 16.52
N MET A 442 8.05 0.86 16.37
CA MET A 442 7.28 1.30 15.19
C MET A 442 8.14 1.51 13.96
N VAL A 443 9.44 1.84 14.15
CA VAL A 443 10.36 2.20 13.07
C VAL A 443 11.66 1.38 13.03
N THR A 444 12.27 1.27 11.85
CA THR A 444 13.59 0.66 11.66
C THR A 444 14.61 1.81 11.64
N GLU A 445 15.91 1.49 11.77
CA GLU A 445 16.97 2.49 11.69
C GLU A 445 16.97 3.13 10.28
N GLU A 446 16.71 2.30 9.24
CA GLU A 446 16.68 2.73 7.84
C GLU A 446 15.53 3.75 7.60
N GLU A 447 14.37 3.54 8.24
CA GLU A 447 13.22 4.44 8.13
C GLU A 447 13.55 5.78 8.78
N ILE A 448 14.18 5.75 9.99
CA ILE A 448 14.63 7.00 10.62
C ILE A 448 15.58 7.75 9.67
N GLN A 449 16.58 7.04 9.07
CA GLN A 449 17.56 7.68 8.19
C GLN A 449 16.93 8.32 6.95
N PHE A 450 15.77 7.81 6.53
CA PHE A 450 15.03 8.40 5.40
C PHE A 450 14.55 9.78 5.80
N TYR A 451 13.88 9.91 6.97
CA TYR A 451 13.44 11.22 7.48
C TYR A 451 14.62 12.17 7.66
N VAL A 452 15.73 11.67 8.27
CA VAL A 452 16.95 12.48 8.47
C VAL A 452 17.39 13.08 7.13
N GLN A 453 17.50 12.23 6.09
CA GLN A 453 17.94 12.68 4.76
C GLN A 453 17.00 13.70 4.14
N GLN A 454 15.69 13.49 4.28
CA GLN A 454 14.69 14.43 3.75
C GLN A 454 14.81 15.81 4.41
N PHE A 455 14.99 15.83 5.74
CA PHE A 455 15.12 17.07 6.50
C PHE A 455 16.44 17.83 6.34
N LYS A 456 17.44 17.21 5.71
CA LYS A 456 18.73 17.86 5.45
C LYS A 456 18.60 18.95 4.42
N LYS A 457 17.64 18.83 3.48
CA LYS A 457 17.43 19.84 2.45
C LYS A 457 16.95 21.21 2.97
N SER A 458 15.81 21.23 3.66
CA SER A 458 15.23 22.51 4.07
C SER A 458 15.16 22.79 5.57
N GLY A 459 15.36 21.75 6.36
CA GLY A 459 15.29 21.91 7.81
C GLY A 459 13.87 22.07 8.31
N PHE A 460 13.74 22.80 9.41
CA PHE A 460 12.48 22.94 10.11
C PHE A 460 11.81 24.29 10.01
N ARG A 461 12.37 25.26 9.26
CA ARG A 461 11.75 26.57 9.15
C ARG A 461 10.35 26.52 8.53
N GLY A 462 10.23 25.93 7.33
CA GLY A 462 8.94 25.81 6.64
C GLY A 462 7.95 25.01 7.47
N PRO A 463 8.32 23.79 7.92
CA PRO A 463 7.41 23.02 8.79
C PRO A 463 6.95 23.80 10.04
N LEU A 464 7.88 24.47 10.77
CA LEU A 464 7.44 25.22 11.95
C LEU A 464 6.60 26.43 11.58
N ASN A 465 6.80 26.96 10.37
CA ASN A 465 5.96 28.08 9.93
C ASN A 465 4.47 27.73 9.87
N TRP A 466 4.11 26.42 9.76
CA TRP A 466 2.68 26.02 9.78
C TRP A 466 1.99 26.49 11.09
N TYR A 467 2.77 26.56 12.21
CA TYR A 467 2.27 26.98 13.54
C TYR A 467 2.26 28.50 13.77
N ARG A 468 2.88 29.27 12.87
CA ARG A 468 3.10 30.71 13.01
C ARG A 468 2.10 31.61 12.30
N ASN A 469 0.95 31.04 11.97
CA ASN A 469 -0.11 31.79 11.31
C ASN A 469 -1.40 31.73 12.07
N MET A 470 -1.34 31.65 13.43
CA MET A 470 -2.55 31.54 14.27
C MET A 470 -3.60 32.60 13.99
N GLU A 471 -3.23 33.88 14.07
CA GLU A 471 -4.14 35.01 13.87
C GLU A 471 -4.72 35.01 12.44
N ARG A 472 -3.83 34.86 11.44
CA ARG A 472 -4.19 34.80 10.03
C ARG A 472 -5.22 33.69 9.75
N ASN A 473 -4.94 32.47 10.28
CA ASN A 473 -5.81 31.30 10.11
C ASN A 473 -7.14 31.52 10.80
N TRP A 474 -7.13 32.14 11.99
CA TRP A 474 -8.33 32.45 12.78
C TRP A 474 -9.24 33.42 12.00
N LYS A 475 -8.68 34.52 11.45
CA LYS A 475 -9.47 35.47 10.66
C LYS A 475 -10.10 34.80 9.43
N TRP A 476 -9.33 33.96 8.72
CA TRP A 476 -9.83 33.25 7.53
C TRP A 476 -10.91 32.25 7.91
N ALA A 477 -10.68 31.43 8.96
CA ALA A 477 -11.66 30.45 9.42
C ALA A 477 -12.99 31.06 9.88
N CYS A 478 -12.97 32.30 10.44
CA CYS A 478 -14.20 33.00 10.85
C CYS A 478 -15.17 33.24 9.68
N LYS A 479 -14.63 33.35 8.45
CA LYS A 479 -15.45 33.52 7.23
C LYS A 479 -16.31 32.29 6.97
N SER A 480 -15.95 31.14 7.54
CA SER A 480 -16.67 29.89 7.33
C SER A 480 -17.67 29.53 8.45
N LEU A 481 -17.79 30.38 9.49
CA LEU A 481 -18.64 30.12 10.66
C LEU A 481 -20.12 29.82 10.41
N GLY A 482 -20.64 30.30 9.30
CA GLY A 482 -22.03 30.02 8.92
C GLY A 482 -22.20 28.75 8.10
N ARG A 483 -21.09 28.09 7.71
CA ARG A 483 -21.15 26.89 6.87
C ARG A 483 -21.23 25.60 7.63
N LYS A 484 -21.62 24.54 6.93
CA LYS A 484 -21.56 23.17 7.45
C LYS A 484 -20.79 22.37 6.39
N ILE A 485 -20.18 21.23 6.78
CA ILE A 485 -19.49 20.31 5.88
C ILE A 485 -20.54 19.24 5.57
N LEU A 486 -21.00 19.22 4.33
CA LEU A 486 -22.08 18.34 3.89
C LEU A 486 -21.68 17.32 2.83
N ILE A 487 -20.38 17.29 2.48
CA ILE A 487 -19.82 16.30 1.57
C ILE A 487 -19.43 15.08 2.46
N PRO A 488 -19.20 13.89 1.88
CA PRO A 488 -18.85 12.71 2.70
C PRO A 488 -17.59 12.94 3.52
N ALA A 489 -17.66 12.61 4.81
CA ALA A 489 -16.61 12.89 5.77
C ALA A 489 -16.42 11.78 6.78
N LEU A 490 -15.14 11.52 7.12
CA LEU A 490 -14.73 10.52 8.08
C LEU A 490 -13.78 11.13 9.12
N MET A 491 -14.06 10.86 10.41
CA MET A 491 -13.18 11.30 11.50
C MET A 491 -12.64 10.04 12.17
N VAL A 492 -11.31 9.87 12.21
CA VAL A 492 -10.70 8.69 12.87
C VAL A 492 -9.98 9.14 14.13
N THR A 493 -10.44 8.67 15.29
CA THR A 493 -9.80 9.04 16.55
C THR A 493 -8.82 7.97 16.97
N ALA A 494 -7.77 8.39 17.69
CA ALA A 494 -6.74 7.51 18.21
C ALA A 494 -6.80 7.62 19.75
N GLU A 495 -7.16 6.53 20.41
CA GLU A 495 -7.35 6.42 21.86
C GLU A 495 -6.23 7.05 22.70
N LYS A 496 -4.98 6.78 22.34
CA LYS A 496 -3.80 7.21 23.10
C LYS A 496 -2.99 8.38 22.53
N ASP A 497 -3.61 9.19 21.67
CA ASP A 497 -2.95 10.41 21.21
C ASP A 497 -3.26 11.41 22.33
N PHE A 498 -2.23 11.82 23.09
CA PHE A 498 -2.46 12.74 24.20
C PHE A 498 -2.44 14.21 23.84
N VAL A 499 -2.21 14.52 22.54
CA VAL A 499 -2.25 15.91 22.05
C VAL A 499 -3.62 16.11 21.37
N LEU A 500 -3.92 15.26 20.38
CA LEU A 500 -5.19 15.29 19.65
C LEU A 500 -6.07 14.21 20.23
N VAL A 501 -6.63 14.49 21.43
CA VAL A 501 -7.43 13.51 22.15
C VAL A 501 -8.78 13.23 21.48
N PRO A 502 -9.28 11.96 21.53
CA PRO A 502 -10.58 11.66 20.93
C PRO A 502 -11.74 12.57 21.35
N GLN A 503 -11.76 12.98 22.64
CA GLN A 503 -12.79 13.87 23.22
C GLN A 503 -12.86 15.24 22.52
N MET A 504 -11.74 15.71 21.92
CA MET A 504 -11.69 17.00 21.22
C MET A 504 -12.58 17.00 19.97
N SER A 505 -12.96 15.79 19.49
CA SER A 505 -13.84 15.61 18.30
C SER A 505 -15.33 15.51 18.69
N GLN A 506 -15.65 15.47 19.99
CA GLN A 506 -17.03 15.25 20.50
C GLN A 506 -18.18 16.12 19.93
N HIS A 507 -17.89 17.34 19.46
CA HIS A 507 -18.95 18.22 18.93
C HIS A 507 -19.03 18.30 17.39
N MET A 508 -18.19 17.54 16.69
CA MET A 508 -18.12 17.60 15.21
C MET A 508 -19.44 17.40 14.47
N GLU A 509 -20.37 16.54 14.99
CA GLU A 509 -21.69 16.32 14.36
C GLU A 509 -22.50 17.61 14.19
N ASP A 510 -22.27 18.62 15.06
CA ASP A 510 -22.96 19.91 14.97
C ASP A 510 -22.62 20.65 13.65
N TRP A 511 -21.40 20.41 13.11
CA TRP A 511 -20.87 21.04 11.89
C TRP A 511 -20.88 20.11 10.69
N ILE A 512 -20.82 18.82 10.95
CA ILE A 512 -20.74 17.78 9.93
C ILE A 512 -21.83 16.76 10.28
N PRO A 513 -23.11 17.07 10.04
CA PRO A 513 -24.19 16.16 10.50
C PRO A 513 -24.14 14.71 10.05
N HIS A 514 -23.64 14.46 8.82
CA HIS A 514 -23.55 13.11 8.26
C HIS A 514 -22.19 12.43 8.50
N LEU A 515 -21.34 12.99 9.39
CA LEU A 515 -20.00 12.46 9.70
C LEU A 515 -19.99 10.99 10.00
N LYS A 516 -19.03 10.26 9.40
CA LYS A 516 -18.82 8.85 9.72
C LYS A 516 -17.57 8.80 10.60
N ARG A 517 -17.46 7.77 11.44
CA ARG A 517 -16.34 7.65 12.33
C ARG A 517 -15.64 6.33 12.29
N GLY A 518 -14.39 6.37 12.72
CA GLY A 518 -13.51 5.24 12.96
C GLY A 518 -12.80 5.52 14.26
N HIS A 519 -12.39 4.45 14.99
CA HIS A 519 -11.68 4.65 16.27
C HIS A 519 -10.66 3.56 16.41
N ILE A 520 -9.41 3.92 16.76
CA ILE A 520 -8.34 2.95 16.89
C ILE A 520 -7.85 2.89 18.33
N GLU A 521 -8.02 1.73 18.95
CA GLU A 521 -7.59 1.53 20.32
C GLU A 521 -6.10 1.31 20.37
N ASP A 522 -5.48 1.71 21.51
CA ASP A 522 -4.06 1.55 21.84
C ASP A 522 -3.17 2.18 20.75
N CYS A 523 -3.65 3.29 20.17
CA CYS A 523 -2.97 4.00 19.09
C CYS A 523 -2.57 5.39 19.56
N GLY A 524 -1.30 5.71 19.38
CA GLY A 524 -0.76 7.01 19.75
C GLY A 524 -0.94 8.03 18.63
N HIS A 525 -0.14 9.09 18.65
CA HIS A 525 -0.19 10.17 17.67
C HIS A 525 0.19 9.75 16.25
N TRP A 526 1.15 8.82 16.10
CA TRP A 526 1.71 8.44 14.77
C TRP A 526 0.92 7.30 14.14
N THR A 527 -0.38 7.55 13.98
CA THR A 527 -1.43 6.63 13.55
C THR A 527 -1.07 5.67 12.45
N GLN A 528 -0.59 6.22 11.31
CA GLN A 528 -0.27 5.41 10.14
C GLN A 528 0.75 4.36 10.40
N MET A 529 1.78 4.64 11.23
CA MET A 529 2.85 3.66 11.47
C MET A 529 2.61 2.87 12.75
N ASP A 530 1.79 3.42 13.65
CA ASP A 530 1.45 2.77 14.92
C ASP A 530 0.52 1.61 14.65
N LYS A 531 -0.59 1.87 13.92
CA LYS A 531 -1.59 0.84 13.64
C LYS A 531 -1.92 0.84 12.15
N PRO A 532 -0.95 0.47 11.27
CA PRO A 532 -1.21 0.51 9.82
C PRO A 532 -2.29 -0.42 9.32
N THR A 533 -2.38 -1.65 9.84
CA THR A 533 -3.43 -2.59 9.38
C THR A 533 -4.80 -2.00 9.67
N GLU A 534 -4.99 -1.46 10.89
CA GLU A 534 -6.28 -0.90 11.31
C GLU A 534 -6.66 0.36 10.50
N VAL A 535 -5.67 1.24 10.25
CA VAL A 535 -5.86 2.45 9.43
C VAL A 535 -6.35 2.03 8.05
N ASN A 536 -5.65 1.05 7.43
CA ASN A 536 -6.00 0.58 6.08
C ASN A 536 -7.40 0.06 6.01
N GLN A 537 -7.79 -0.78 6.98
CA GLN A 537 -9.13 -1.35 7.07
C GLN A 537 -10.21 -0.24 7.11
N ILE A 538 -10.05 0.74 7.98
CA ILE A 538 -11.00 1.86 8.14
C ILE A 538 -11.09 2.70 6.86
N LEU A 539 -9.93 3.10 6.32
CA LEU A 539 -9.94 3.94 5.11
C LEU A 539 -10.52 3.22 3.92
N ILE A 540 -10.14 1.95 3.68
CA ILE A 540 -10.66 1.22 2.50
C ILE A 540 -12.19 1.02 2.61
N LYS A 541 -12.68 0.66 3.80
CA LYS A 541 -14.11 0.46 4.00
C LYS A 541 -14.88 1.75 3.72
N TRP A 542 -14.39 2.87 4.25
CA TRP A 542 -15.00 4.18 4.03
C TRP A 542 -14.94 4.63 2.55
N LEU A 543 -13.77 4.54 1.90
CA LEU A 543 -13.60 4.89 0.48
C LEU A 543 -14.59 4.12 -0.39
N ASP A 544 -14.68 2.80 -0.17
CA ASP A 544 -15.55 1.94 -0.99
C ASP A 544 -17.04 2.26 -0.85
N SER A 545 -17.47 2.68 0.36
CA SER A 545 -18.87 3.04 0.57
C SER A 545 -19.23 4.50 0.27
N ASP A 546 -18.32 5.46 0.56
CA ASP A 546 -18.60 6.90 0.43
C ASP A 546 -17.81 7.71 -0.61
N ALA A 547 -16.77 7.11 -1.18
CA ALA A 547 -15.90 7.81 -2.12
C ALA A 547 -16.03 7.32 -3.56
N ARG A 548 -16.28 6.02 -3.74
CA ARG A 548 -16.51 5.47 -5.07
C ARG A 548 -15.49 4.43 -5.51
N ASN A 549 -15.49 4.12 -6.80
CA ASN A 549 -14.58 3.14 -7.38
C ASN A 549 -13.49 2.70 -6.42
S SO4 B . 9.21 -8.55 -10.77
O1 SO4 B . 10.28 -8.55 -11.77
O2 SO4 B . 8.03 -8.01 -11.35
O3 SO4 B . 8.99 -9.96 -10.31
O4 SO4 B . 9.60 -7.69 -9.62
S SO4 C . -8.97 28.48 14.22
O1 SO4 C . -7.64 28.55 13.64
O2 SO4 C . -9.82 29.33 13.46
O3 SO4 C . -9.44 27.09 14.16
O4 SO4 C . -8.94 28.95 15.61
C1 GOL D . -0.84 27.06 15.35
O1 GOL D . -0.47 26.77 16.68
C2 GOL D . -2.31 27.37 15.26
O2 GOL D . -3.04 26.16 15.60
C3 GOL D . -2.62 27.88 13.85
O3 GOL D . -3.97 27.93 13.35
C1 GOL E . 4.25 35.11 12.82
O1 GOL E . 3.50 34.45 13.84
C2 GOL E . 3.54 36.31 12.25
O2 GOL E . 3.65 37.42 13.15
C3 GOL E . 4.19 36.70 10.94
O3 GOL E . 3.11 36.87 10.01
C1 GOL F . -2.16 -37.06 -28.21
O1 GOL F . -1.69 -37.28 -26.90
C2 GOL F . -1.00 -37.27 -29.20
O2 GOL F . -0.85 -36.27 -30.16
C3 GOL F . -1.25 -38.48 -30.05
O3 GOL F . -0.10 -39.28 -30.04
C1 PEG G . 19.07 -12.53 -14.55
O1 PEG G . 19.42 -12.71 -13.20
C2 PEG G . 17.94 -11.63 -14.59
O2 PEG G . 16.87 -12.05 -15.45
C3 PEG G . 15.65 -11.23 -15.41
C4 PEG G . 15.87 -9.77 -15.00
O4 PEG G . 15.02 -9.36 -13.98
C1 PEG H . -14.80 6.71 21.12
O1 PEG H . -15.28 5.51 20.58
C2 PEG H . -15.15 7.88 20.28
O2 PEG H . -14.73 9.10 20.83
C3 PEG H . -15.25 10.27 20.24
C4 PEG H . -15.92 11.20 21.21
O4 PEG H . -17.17 11.60 20.72
C1 PEG I . 4.89 -13.30 9.90
O1 PEG I . 4.63 -13.40 8.55
C2 PEG I . 5.31 -12.04 10.50
O2 PEG I . 6.20 -12.19 11.60
C3 PEG I . 7.25 -13.17 11.55
C4 PEG I . 7.64 -13.69 12.88
O4 PEG I . 7.45 -15.06 12.99
S DMS J . 6.94 -1.89 -7.72
O DMS J . 8.03 -1.86 -6.80
C1 DMS J . 5.37 -2.16 -6.85
C2 DMS J . 7.02 -3.38 -8.77
C1 6NF K . -2.33 19.85 14.52
C2 6NF K . -3.46 20.39 13.93
N3 6NF K . -4.10 21.46 14.41
C4 6NF K . -3.59 21.98 15.54
C5 6NF K . -2.49 21.51 16.21
C6 6NF K . -1.86 20.40 15.69
C7 6NF K . -0.63 19.85 16.21
C8 6NF K . -0.14 18.59 15.84
C9 6NF K . 1.15 18.53 16.28
N10 6NF K . 1.39 19.69 16.94
N11 6NF K . 0.33 20.52 16.86
N12 6NF K . 2.01 17.52 16.09
C13 6NF K . 3.42 17.70 16.34
C14 6NF K . 3.71 17.24 17.74
C15 6NF K . 3.21 15.82 17.93
C16 6NF K . 3.63 15.25 19.28
C17 6NF K . 5.12 15.42 19.50
C18 6NF K . 5.54 16.88 19.37
C19 6NF K . 5.21 17.37 17.97
#